data_4Q7B
#
_entry.id   4Q7B
#
_cell.length_a   49.317
_cell.length_b   66.739
_cell.length_c   47.254
_cell.angle_alpha   90.00
_cell.angle_beta   92.07
_cell.angle_gamma   90.00
#
_symmetry.space_group_name_H-M   'P 1 21 1'
#
loop_
_entity.id
_entity.type
_entity.pdbx_description
1 polymer 'Aldose reductase'
2 non-polymer 'NADP NICOTINAMIDE-ADENINE-DINUCLEOTIDE PHOSPHATE'
3 non-polymer '[2-(benzylcarbamoyl)-5-fluorophenoxy]acetic acid'
4 water water
#
_entity_poly.entity_id   1
_entity_poly.type   'polypeptide(L)'
_entity_poly.pdbx_seq_one_letter_code
;ASRILLNNGAKMPILGLGTWKSPPGQVTEAVKVAIDVGYRHIDCAHVYQNENEVGVAIQEKLREQVVKREELFIVSKLWC
TYHEKGLVKGACQKTLSDLKLDYLDLYLIHWPTGFKPGKEFFPLDESGNVVPSDTNILDTWAAMEELVDEGLVKAIGISN
FNHLQVEMILNKPGLKYKPAVNQIECHPYLTQEKLIQYCQSKGIVVTAYSPLGSPDRPWAKPEDPSLLEDPRIKAIAAKH
NKTTAQVLIRFPMQRNLVVIPKSVTPERIAENFKVFDFELSSQDMTTLLSYNRNWRVCALLSCTSHKDYPFHEEF
;
_entity_poly.pdbx_strand_id   A
#
# COMPACT_ATOMS: atom_id res chain seq x y z
N ALA A 1 5.38 18.11 -7.73
CA ALA A 1 6.32 17.80 -6.66
C ALA A 1 6.47 16.30 -6.45
N SER A 2 7.65 15.87 -5.99
CA SER A 2 7.90 14.45 -5.85
C SER A 2 7.37 13.87 -4.56
N ARG A 3 7.06 14.71 -3.58
N ARG A 3 7.04 14.72 -3.59
CA ARG A 3 6.53 14.24 -2.31
CA ARG A 3 6.58 14.27 -2.27
C ARG A 3 5.21 14.90 -1.97
C ARG A 3 5.33 15.01 -1.79
N ILE A 4 4.48 14.28 -1.06
CA ILE A 4 3.22 14.83 -0.55
C ILE A 4 3.33 14.97 0.98
N LEU A 5 2.79 16.06 1.51
CA LEU A 5 2.85 16.32 2.93
C LEU A 5 1.81 15.51 3.69
N LEU A 6 2.26 14.75 4.68
CA LEU A 6 1.39 13.99 5.56
C LEU A 6 0.96 14.80 6.76
N ASN A 7 -0.11 14.34 7.41
CA ASN A 7 -0.63 15.02 8.59
C ASN A 7 0.19 14.81 9.87
N ASN A 8 1.33 14.12 9.75
CA ASN A 8 2.31 14.09 10.84
C ASN A 8 3.47 15.06 10.61
N GLY A 9 3.41 15.83 9.52
CA GLY A 9 4.47 16.77 9.21
C GLY A 9 5.59 16.27 8.32
N ALA A 10 5.57 14.98 8.00
CA ALA A 10 6.60 14.39 7.14
C ALA A 10 6.17 14.37 5.68
N LYS A 11 7.14 14.29 4.78
CA LYS A 11 6.86 14.23 3.36
C LYS A 11 7.07 12.83 2.82
N MET A 12 6.11 12.36 2.04
CA MET A 12 6.11 10.99 1.51
C MET A 12 6.28 11.01 -0.02
N PRO A 13 7.27 10.28 -0.55
CA PRO A 13 7.44 10.24 -2.00
C PRO A 13 6.19 9.64 -2.68
N ILE A 14 5.69 10.31 -3.72
CA ILE A 14 4.45 9.88 -4.33
C ILE A 14 4.59 8.65 -5.20
N LEU A 15 5.83 8.27 -5.50
CA LEU A 15 6.10 7.03 -6.21
C LEU A 15 6.93 6.10 -5.31
N GLY A 16 6.47 4.87 -5.15
CA GLY A 16 7.22 3.88 -4.41
C GLY A 16 7.26 2.56 -5.15
N LEU A 17 8.14 1.67 -4.69
CA LEU A 17 8.27 0.33 -5.24
C LEU A 17 7.48 -0.68 -4.41
N GLY A 18 6.55 -1.38 -5.05
CA GLY A 18 5.85 -2.47 -4.39
C GLY A 18 6.68 -3.75 -4.35
N THR A 19 6.41 -4.58 -3.34
CA THR A 19 7.18 -5.80 -3.14
C THR A 19 6.36 -7.08 -2.91
N TRP A 20 5.04 -6.99 -3.00
CA TRP A 20 4.22 -8.20 -2.89
C TRP A 20 4.46 -9.07 -4.13
N LYS A 21 4.81 -10.34 -3.90
CA LYS A 21 5.08 -11.36 -4.94
C LYS A 21 6.50 -11.25 -5.49
N SER A 22 7.28 -10.27 -5.05
CA SER A 22 8.66 -10.19 -5.50
C SER A 22 9.45 -11.35 -4.89
N PRO A 23 9.95 -12.27 -5.74
CA PRO A 23 10.57 -13.47 -5.15
C PRO A 23 11.77 -13.11 -4.29
N PRO A 24 11.99 -13.86 -3.22
CA PRO A 24 13.08 -13.51 -2.30
C PRO A 24 14.46 -13.52 -2.98
N GLY A 25 14.63 -14.33 -4.02
CA GLY A 25 15.88 -14.38 -4.76
C GLY A 25 16.05 -13.28 -5.80
N GLN A 26 15.03 -12.45 -5.96
CA GLN A 26 15.07 -11.35 -6.93
C GLN A 26 14.86 -9.98 -6.32
N VAL A 27 14.24 -9.92 -5.14
CA VAL A 27 13.81 -8.64 -4.59
C VAL A 27 14.98 -7.80 -4.08
N THR A 28 16.08 -8.43 -3.65
CA THR A 28 17.23 -7.65 -3.21
C THR A 28 17.77 -6.82 -4.36
N GLU A 29 18.01 -7.43 -5.51
CA GLU A 29 18.47 -6.65 -6.66
C GLU A 29 17.41 -5.66 -7.13
N ALA A 30 16.13 -6.02 -7.06
CA ALA A 30 15.07 -5.10 -7.47
C ALA A 30 15.12 -3.81 -6.66
N VAL A 31 15.26 -3.92 -5.35
CA VAL A 31 15.30 -2.76 -4.48
C VAL A 31 16.61 -1.97 -4.69
N LYS A 32 17.72 -2.66 -4.89
CA LYS A 32 18.99 -1.98 -5.21
C LYS A 32 18.87 -1.15 -6.47
N VAL A 33 18.33 -1.76 -7.53
CA VAL A 33 18.11 -1.06 -8.79
C VAL A 33 17.17 0.13 -8.60
N ALA A 34 16.07 -0.09 -7.87
CA ALA A 34 15.11 0.99 -7.64
C ALA A 34 15.79 2.20 -6.99
N ILE A 35 16.56 1.95 -5.94
CA ILE A 35 17.25 3.05 -5.26
C ILE A 35 18.27 3.70 -6.21
N ASP A 36 18.99 2.90 -6.99
CA ASP A 36 19.95 3.44 -7.95
C ASP A 36 19.30 4.34 -8.99
N VAL A 37 18.06 4.06 -9.39
CA VAL A 37 17.41 4.87 -10.42
C VAL A 37 16.50 5.96 -9.86
N GLY A 38 16.46 6.11 -8.54
CA GLY A 38 15.79 7.26 -7.94
C GLY A 38 14.68 6.98 -6.95
N TYR A 39 14.22 5.74 -6.83
CA TYR A 39 13.15 5.47 -5.86
C TYR A 39 13.62 5.75 -4.45
N ARG A 40 12.74 6.32 -3.64
CA ARG A 40 13.05 6.64 -2.25
C ARG A 40 11.97 6.13 -1.31
N HIS A 41 11.03 5.37 -1.84
CA HIS A 41 9.90 4.85 -1.07
C HIS A 41 9.74 3.37 -1.46
N ILE A 42 9.77 2.49 -0.47
CA ILE A 42 9.56 1.06 -0.68
C ILE A 42 8.36 0.61 0.16
N ASP A 43 7.41 -0.08 -0.48
CA ASP A 43 6.24 -0.61 0.22
C ASP A 43 6.46 -2.08 0.54
N CYS A 44 6.41 -2.42 1.83
CA CYS A 44 6.73 -3.74 2.34
C CYS A 44 5.58 -4.29 3.17
N ALA A 45 5.68 -5.57 3.53
CA ALA A 45 4.78 -6.12 4.54
C ALA A 45 5.34 -7.41 5.09
N HIS A 46 5.12 -7.66 6.36
CA HIS A 46 5.52 -8.93 6.95
C HIS A 46 4.94 -10.14 6.21
N VAL A 47 3.67 -10.04 5.82
CA VAL A 47 2.99 -11.17 5.18
C VAL A 47 3.58 -11.49 3.79
N TYR A 48 4.36 -10.58 3.21
CA TYR A 48 4.96 -10.84 1.89
C TYR A 48 6.12 -11.81 1.97
N GLN A 49 6.61 -12.07 3.19
CA GLN A 49 7.65 -13.08 3.45
C GLN A 49 9.00 -12.77 2.82
N ASN A 50 9.28 -11.50 2.52
CA ASN A 50 10.52 -11.14 1.85
C ASN A 50 11.17 -9.91 2.48
N GLU A 51 10.76 -9.54 3.69
CA GLU A 51 11.30 -8.33 4.31
C GLU A 51 12.80 -8.45 4.60
N ASN A 52 13.28 -9.64 4.96
CA ASN A 52 14.72 -9.79 5.18
C ASN A 52 15.52 -9.39 3.92
N GLU A 53 15.06 -9.87 2.77
CA GLU A 53 15.74 -9.66 1.50
C GLU A 53 15.61 -8.21 1.04
N VAL A 54 14.43 -7.61 1.27
CA VAL A 54 14.29 -6.17 1.02
C VAL A 54 15.30 -5.40 1.87
N GLY A 55 15.39 -5.79 3.14
CA GLY A 55 16.30 -5.14 4.08
C GLY A 55 17.75 -5.22 3.67
N VAL A 56 18.16 -6.34 3.09
CA VAL A 56 19.54 -6.47 2.63
C VAL A 56 19.87 -5.38 1.61
N ALA A 57 18.93 -5.12 0.70
CA ALA A 57 19.13 -4.09 -0.32
C ALA A 57 19.20 -2.70 0.29
N ILE A 58 18.26 -2.39 1.18
CA ILE A 58 18.25 -1.09 1.84
C ILE A 58 19.57 -0.87 2.57
N GLN A 59 19.99 -1.89 3.32
CA GLN A 59 21.20 -1.77 4.12
C GLN A 59 22.44 -1.57 3.24
N GLU A 60 22.53 -2.29 2.12
CA GLU A 60 23.68 -2.08 1.23
C GLU A 60 23.71 -0.66 0.69
N LYS A 61 22.56 -0.13 0.31
CA LYS A 61 22.53 1.21 -0.26
C LYS A 61 22.83 2.29 0.77
N LEU A 62 22.43 2.05 2.02
CA LEU A 62 22.81 2.93 3.12
C LEU A 62 24.32 2.84 3.37
N ARG A 63 24.84 1.61 3.41
CA ARG A 63 26.27 1.40 3.66
C ARG A 63 27.13 1.99 2.53
N GLU A 64 26.65 1.85 1.29
CA GLU A 64 27.33 2.39 0.11
C GLU A 64 27.21 3.90 0.03
N GLN A 65 26.36 4.49 0.87
CA GLN A 65 26.09 5.94 0.85
C GLN A 65 25.52 6.41 -0.49
N VAL A 66 24.68 5.56 -1.07
CA VAL A 66 23.90 5.92 -2.24
C VAL A 66 22.75 6.82 -1.81
N VAL A 67 22.26 6.58 -0.61
N VAL A 67 22.26 6.61 -0.60
CA VAL A 67 21.17 7.35 -0.02
CA VAL A 67 21.15 7.36 -0.06
C VAL A 67 21.42 7.48 1.47
C VAL A 67 21.27 7.40 1.46
N LYS A 68 20.80 8.49 2.07
CA LYS A 68 20.78 8.61 3.53
C LYS A 68 19.45 8.08 4.04
N ARG A 69 19.45 7.55 5.27
CA ARG A 69 18.22 7.00 5.85
C ARG A 69 17.07 8.02 5.85
N GLU A 70 17.40 9.27 6.15
CA GLU A 70 16.39 10.33 6.22
C GLU A 70 15.69 10.56 4.87
N GLU A 71 16.37 10.19 3.78
CA GLU A 71 15.84 10.38 2.43
C GLU A 71 14.95 9.21 2.00
N LEU A 72 15.02 8.10 2.72
CA LEU A 72 14.18 6.94 2.41
C LEU A 72 12.86 7.02 3.15
N PHE A 73 11.84 6.44 2.55
CA PHE A 73 10.53 6.36 3.16
C PHE A 73 10.10 4.90 3.09
N ILE A 74 10.25 4.19 4.19
CA ILE A 74 10.00 2.76 4.23
C ILE A 74 8.71 2.48 4.95
N VAL A 75 7.82 1.76 4.27
CA VAL A 75 6.48 1.44 4.76
C VAL A 75 6.37 -0.06 5.00
N SER A 76 5.80 -0.44 6.14
CA SER A 76 5.39 -1.82 6.31
C SER A 76 4.01 -1.89 6.95
N LYS A 77 3.55 -3.10 7.22
CA LYS A 77 2.16 -3.33 7.60
C LYS A 77 2.05 -4.44 8.64
N LEU A 78 1.18 -4.20 9.60
CA LEU A 78 0.83 -5.12 10.68
C LEU A 78 -0.12 -6.17 10.16
N TRP A 79 0.28 -7.43 10.20
CA TRP A 79 -0.57 -8.50 9.67
C TRP A 79 -1.76 -8.78 10.62
N CYS A 80 -2.81 -9.38 10.05
CA CYS A 80 -4.07 -9.61 10.73
C CYS A 80 -3.99 -10.44 12.01
N THR A 81 -3.01 -11.34 12.09
CA THR A 81 -2.86 -12.22 13.24
C THR A 81 -2.15 -11.51 14.40
N TYR A 82 -1.84 -10.23 14.22
CA TYR A 82 -1.16 -9.43 15.24
C TYR A 82 -1.99 -8.22 15.70
N HIS A 83 -3.31 -8.29 15.53
CA HIS A 83 -4.15 -7.18 16.00
C HIS A 83 -4.26 -7.09 17.51
N GLU A 84 -4.06 -8.20 18.22
CA GLU A 84 -4.12 -8.17 19.68
C GLU A 84 -3.16 -7.10 20.19
N LYS A 85 -3.63 -6.27 21.11
CA LYS A 85 -2.85 -5.09 21.51
C LYS A 85 -1.46 -5.48 22.02
N GLY A 86 -1.36 -6.61 22.71
CA GLY A 86 -0.10 -7.08 23.26
C GLY A 86 0.87 -7.66 22.25
N LEU A 87 0.43 -7.84 21.00
CA LEU A 87 1.27 -8.42 19.95
C LEU A 87 1.80 -7.39 18.94
N VAL A 88 1.21 -6.20 18.95
CA VAL A 88 1.52 -5.18 17.95
C VAL A 88 3.00 -4.77 17.97
N LYS A 89 3.54 -4.49 19.16
CA LYS A 89 4.92 -4.02 19.23
C LYS A 89 5.90 -5.08 18.71
N GLY A 90 5.71 -6.33 19.14
CA GLY A 90 6.56 -7.41 18.69
C GLY A 90 6.51 -7.61 17.18
N ALA A 91 5.33 -7.47 16.60
CA ALA A 91 5.19 -7.55 15.15
C ALA A 91 5.99 -6.44 14.46
N CYS A 92 5.89 -5.23 14.98
CA CYS A 92 6.64 -4.11 14.43
C CYS A 92 8.14 -4.35 14.56
N GLN A 93 8.57 -4.81 15.74
CA GLN A 93 9.98 -5.09 15.97
C GLN A 93 10.55 -6.18 15.05
N LYS A 94 9.74 -7.20 14.76
CA LYS A 94 10.18 -8.24 13.83
C LYS A 94 10.40 -7.67 12.44
N THR A 95 9.46 -6.84 12.00
CA THR A 95 9.60 -6.15 10.72
C THR A 95 10.83 -5.24 10.71
N LEU A 96 11.06 -4.48 11.78
CA LEU A 96 12.24 -3.63 11.87
C LEU A 96 13.53 -4.46 11.81
N SER A 97 13.52 -5.59 12.50
CA SER A 97 14.68 -6.46 12.52
C SER A 97 14.98 -7.02 11.14
N ASP A 98 13.94 -7.52 10.46
CA ASP A 98 14.11 -8.04 9.11
C ASP A 98 14.57 -6.96 8.12
N LEU A 99 13.97 -5.78 8.21
CA LEU A 99 14.33 -4.69 7.29
C LEU A 99 15.66 -4.03 7.66
N LYS A 100 16.18 -4.37 8.82
CA LYS A 100 17.42 -3.82 9.36
C LYS A 100 17.35 -2.30 9.54
N LEU A 101 16.24 -1.86 10.14
CA LEU A 101 15.99 -0.45 10.37
C LEU A 101 15.76 -0.22 11.86
N ASP A 102 15.96 1.03 12.30
CA ASP A 102 15.57 1.38 13.67
C ASP A 102 14.26 2.16 13.76
N TYR A 103 13.68 2.52 12.61
CA TYR A 103 12.31 3.03 12.58
C TYR A 103 11.72 2.79 11.21
N LEU A 104 10.40 2.76 11.15
CA LEU A 104 9.68 2.81 9.88
C LEU A 104 9.15 4.22 9.67
N ASP A 105 9.09 4.65 8.41
CA ASP A 105 8.45 5.94 8.13
C ASP A 105 6.94 5.88 8.27
N LEU A 106 6.37 4.71 7.98
CA LEU A 106 4.93 4.52 8.03
C LEU A 106 4.64 3.06 8.30
N TYR A 107 3.75 2.82 9.24
CA TYR A 107 3.30 1.47 9.58
C TYR A 107 1.78 1.45 9.50
N LEU A 108 1.26 0.52 8.70
CA LEU A 108 -0.18 0.43 8.42
C LEU A 108 -0.82 -0.80 9.06
N ILE A 109 -2.05 -0.66 9.53
CA ILE A 109 -2.86 -1.85 9.78
C ILE A 109 -3.22 -2.41 8.41
N HIS A 110 -2.75 -3.61 8.10
CA HIS A 110 -2.81 -4.15 6.75
C HIS A 110 -4.26 -4.35 6.25
N TRP A 111 -5.11 -4.88 7.12
CA TRP A 111 -6.54 -5.08 6.88
C TRP A 111 -7.29 -4.79 8.17
N PRO A 112 -8.57 -4.37 8.06
CA PRO A 112 -9.35 -4.11 9.29
C PRO A 112 -9.77 -5.40 10.01
N THR A 113 -9.54 -6.55 9.38
CA THR A 113 -9.92 -7.85 9.94
C THR A 113 -8.83 -8.46 10.81
N GLY A 114 -9.09 -8.61 12.11
CA GLY A 114 -8.19 -9.31 13.00
C GLY A 114 -8.42 -10.82 12.97
N PHE A 115 -7.33 -11.59 12.97
CA PHE A 115 -7.41 -13.04 12.97
C PHE A 115 -6.78 -13.60 14.25
N LYS A 116 -7.14 -14.83 14.58
CA LYS A 116 -6.51 -15.55 15.69
C LYS A 116 -4.99 -15.56 15.55
N PRO A 117 -4.28 -15.23 16.65
N PRO A 117 -4.27 -15.17 16.63
CA PRO A 117 -2.81 -15.21 16.57
CA PRO A 117 -2.81 -15.20 16.57
C PRO A 117 -2.21 -16.60 16.48
C PRO A 117 -2.25 -16.61 16.42
N GLY A 118 -1.04 -16.69 15.88
CA GLY A 118 -0.37 -17.95 15.67
C GLY A 118 0.56 -17.85 14.47
N LYS A 119 1.15 -18.97 14.10
CA LYS A 119 2.13 -18.99 13.03
C LYS A 119 1.48 -18.88 11.65
N GLU A 120 0.23 -19.31 11.54
CA GLU A 120 -0.47 -19.29 10.27
C GLU A 120 -1.05 -17.92 9.96
N PHE A 121 -0.80 -17.43 8.75
CA PHE A 121 -1.29 -16.11 8.37
C PHE A 121 -2.81 -16.08 8.21
N PHE A 122 -3.39 -17.22 7.83
CA PHE A 122 -4.83 -17.36 7.67
C PHE A 122 -5.29 -18.58 8.46
N PRO A 123 -5.47 -18.41 9.78
CA PRO A 123 -5.90 -19.55 10.59
C PRO A 123 -7.33 -19.95 10.20
N LEU A 124 -7.56 -21.23 9.94
CA LEU A 124 -8.88 -21.68 9.50
C LEU A 124 -9.53 -22.60 10.51
N ASP A 125 -10.86 -22.56 10.58
CA ASP A 125 -11.59 -23.61 11.27
C ASP A 125 -11.66 -24.84 10.37
N GLU A 126 -12.17 -25.94 10.91
CA GLU A 126 -12.15 -27.19 10.16
C GLU A 126 -13.02 -27.15 8.91
N SER A 127 -13.88 -26.14 8.82
CA SER A 127 -14.76 -25.97 7.68
C SER A 127 -14.24 -24.92 6.68
N GLY A 128 -13.06 -24.36 6.95
CA GLY A 128 -12.41 -23.48 6.00
C GLY A 128 -12.60 -21.98 6.18
N ASN A 129 -13.34 -21.57 7.20
CA ASN A 129 -13.49 -20.14 7.48
C ASN A 129 -12.32 -19.62 8.26
N VAL A 130 -11.94 -18.37 8.00
CA VAL A 130 -10.89 -17.74 8.79
C VAL A 130 -11.39 -17.55 10.21
N VAL A 131 -10.50 -17.73 11.17
CA VAL A 131 -10.86 -17.60 12.57
C VAL A 131 -10.54 -16.19 13.04
N PRO A 132 -11.57 -15.41 13.41
CA PRO A 132 -11.34 -14.02 13.80
C PRO A 132 -10.75 -13.86 15.20
N SER A 133 -10.30 -12.64 15.44
N SER A 133 -10.31 -12.64 15.47
CA SER A 133 -9.89 -12.17 16.76
CA SER A 133 -9.90 -12.27 16.82
C SER A 133 -11.05 -11.40 17.36
C SER A 133 -10.89 -11.27 17.39
N ASP A 134 -11.16 -11.36 18.68
CA ASP A 134 -12.15 -10.49 19.33
C ASP A 134 -11.63 -9.08 19.64
N THR A 135 -10.47 -8.76 19.11
CA THR A 135 -9.89 -7.46 19.36
C THR A 135 -10.64 -6.39 18.60
N ASN A 136 -10.96 -5.31 19.29
CA ASN A 136 -11.55 -4.16 18.65
C ASN A 136 -10.48 -3.34 17.94
N ILE A 137 -10.77 -2.93 16.72
CA ILE A 137 -9.81 -2.17 15.91
C ILE A 137 -9.38 -0.85 16.57
N LEU A 138 -10.24 -0.28 17.43
CA LEU A 138 -9.85 0.93 18.16
C LEU A 138 -8.73 0.62 19.15
N ASP A 139 -8.76 -0.58 19.74
CA ASP A 139 -7.67 -0.98 20.62
C ASP A 139 -6.40 -1.26 19.84
N THR A 140 -6.53 -1.86 18.66
CA THR A 140 -5.39 -2.03 17.76
C THR A 140 -4.80 -0.66 17.42
N TRP A 141 -5.68 0.32 17.16
CA TRP A 141 -5.20 1.66 16.85
C TRP A 141 -4.40 2.27 18.00
N ALA A 142 -4.91 2.12 19.22
CA ALA A 142 -4.19 2.62 20.39
C ALA A 142 -2.80 1.98 20.48
N ALA A 143 -2.70 0.70 20.15
CA ALA A 143 -1.40 0.03 20.15
C ALA A 143 -0.47 0.60 19.07
N MET A 144 -1.03 0.93 17.90
CA MET A 144 -0.26 1.60 16.86
C MET A 144 0.25 2.97 17.32
N GLU A 145 -0.61 3.72 18.02
CA GLU A 145 -0.20 5.02 18.54
C GLU A 145 1.00 4.90 19.48
N GLU A 146 1.04 3.83 20.27
CA GLU A 146 2.19 3.60 21.16
C GLU A 146 3.49 3.47 20.39
N LEU A 147 3.43 2.91 19.19
CA LEU A 147 4.64 2.75 18.38
C LEU A 147 5.23 4.10 18.00
N VAL A 148 4.37 5.09 17.74
CA VAL A 148 4.85 6.44 17.47
C VAL A 148 5.54 6.98 18.72
N ASP A 149 4.87 6.82 19.86
CA ASP A 149 5.38 7.36 21.11
C ASP A 149 6.65 6.68 21.61
N GLU A 150 6.92 5.46 21.15
CA GLU A 150 8.14 4.75 21.53
C GLU A 150 9.25 4.88 20.49
N GLY A 151 8.98 5.63 19.41
CA GLY A 151 9.99 5.92 18.42
C GLY A 151 10.23 4.85 17.38
N LEU A 152 9.38 3.82 17.34
CA LEU A 152 9.55 2.76 16.36
C LEU A 152 9.07 3.15 14.96
N VAL A 153 8.09 4.04 14.89
CA VAL A 153 7.55 4.45 13.61
C VAL A 153 7.28 5.95 13.62
N LYS A 154 7.45 6.61 12.47
CA LYS A 154 7.22 8.05 12.39
C LYS A 154 5.76 8.39 12.13
N ALA A 155 5.05 7.47 11.48
CA ALA A 155 3.65 7.68 11.13
C ALA A 155 2.93 6.35 11.17
N ILE A 156 1.62 6.40 11.43
CA ILE A 156 0.78 5.22 11.39
C ILE A 156 -0.40 5.47 10.45
N GLY A 157 -0.91 4.38 9.89
CA GLY A 157 -2.05 4.48 8.99
C GLY A 157 -2.76 3.16 8.87
N ILE A 158 -3.60 3.08 7.86
CA ILE A 158 -4.53 1.98 7.67
C ILE A 158 -4.53 1.55 6.21
N SER A 159 -5.10 0.39 5.93
CA SER A 159 -5.12 -0.12 4.58
C SER A 159 -6.35 -0.99 4.42
N ASN A 160 -7.02 -0.84 3.28
CA ASN A 160 -8.25 -1.57 3.00
C ASN A 160 -9.37 -1.24 3.98
N PHE A 161 -9.36 -0.03 4.54
CA PHE A 161 -10.45 0.40 5.40
C PHE A 161 -11.50 1.10 4.55
N ASN A 162 -12.76 0.69 4.70
CA ASN A 162 -13.84 1.38 4.00
C ASN A 162 -14.17 2.68 4.74
N HIS A 163 -15.03 3.51 4.18
CA HIS A 163 -15.21 4.83 4.78
C HIS A 163 -15.79 4.79 6.20
N LEU A 164 -16.65 3.83 6.49
CA LEU A 164 -17.18 3.70 7.85
C LEU A 164 -16.09 3.27 8.83
N GLN A 165 -15.15 2.45 8.37
CA GLN A 165 -14.04 2.01 9.20
C GLN A 165 -13.04 3.14 9.45
N VAL A 166 -12.79 3.94 8.42
CA VAL A 166 -11.99 5.14 8.59
C VAL A 166 -12.67 6.06 9.61
N GLU A 167 -13.97 6.25 9.44
CA GLU A 167 -14.75 7.10 10.35
C GLU A 167 -14.67 6.61 11.78
N MET A 168 -14.70 5.29 11.98
CA MET A 168 -14.57 4.69 13.31
C MET A 168 -13.27 5.13 13.99
N ILE A 169 -12.18 5.12 13.23
N ILE A 169 -12.17 5.13 13.25
CA ILE A 169 -10.89 5.55 13.77
CA ILE A 169 -10.91 5.57 13.84
C ILE A 169 -10.92 7.05 14.08
C ILE A 169 -10.90 7.07 14.08
N LEU A 170 -11.41 7.84 13.12
CA LEU A 170 -11.46 9.28 13.29
C LEU A 170 -12.34 9.69 14.49
N ASN A 171 -13.34 8.88 14.78
CA ASN A 171 -14.24 9.13 15.91
C ASN A 171 -13.84 8.39 17.19
N LYS A 172 -12.67 7.78 17.20
CA LYS A 172 -12.22 7.03 18.38
C LYS A 172 -12.15 7.92 19.60
N PRO A 173 -12.79 7.50 20.71
CA PRO A 173 -12.64 8.28 21.94
C PRO A 173 -11.17 8.35 22.34
N GLY A 174 -10.68 9.57 22.58
CA GLY A 174 -9.32 9.76 23.02
C GLY A 174 -8.28 9.59 21.92
N LEU A 175 -8.70 9.64 20.65
CA LEU A 175 -7.77 9.53 19.52
C LEU A 175 -6.56 10.44 19.70
N LYS A 176 -5.37 9.85 19.58
CA LYS A 176 -4.13 10.61 19.79
C LYS A 176 -3.47 11.00 18.47
N TYR A 177 -3.37 10.07 17.53
CA TYR A 177 -2.84 10.36 16.20
C TYR A 177 -3.83 9.90 15.15
N LYS A 178 -4.20 10.80 14.24
CA LYS A 178 -5.02 10.42 13.10
C LYS A 178 -4.23 9.51 12.18
N PRO A 179 -4.90 8.62 11.46
CA PRO A 179 -4.17 7.88 10.41
C PRO A 179 -3.61 8.85 9.38
N ALA A 180 -2.37 8.62 8.97
CA ALA A 180 -1.71 9.48 8.00
C ALA A 180 -2.09 9.09 6.57
N VAL A 181 -2.36 7.80 6.37
CA VAL A 181 -2.54 7.22 5.06
C VAL A 181 -3.61 6.14 5.13
N ASN A 182 -4.41 6.01 4.06
CA ASN A 182 -5.20 4.82 3.81
C ASN A 182 -4.72 4.26 2.46
N GLN A 183 -4.15 3.06 2.49
CA GLN A 183 -3.65 2.41 1.28
C GLN A 183 -4.73 1.46 0.76
N ILE A 184 -5.20 1.72 -0.47
CA ILE A 184 -6.33 0.99 -1.05
C ILE A 184 -6.06 0.64 -2.50
N GLU A 185 -6.75 -0.38 -3.01
CA GLU A 185 -6.65 -0.72 -4.41
C GLU A 185 -7.23 0.43 -5.25
N CYS A 186 -6.52 0.84 -6.30
CA CYS A 186 -7.05 1.91 -7.13
C CYS A 186 -6.38 1.91 -8.50
N HIS A 187 -7.20 1.95 -9.55
CA HIS A 187 -6.75 1.91 -10.94
C HIS A 187 -7.97 2.24 -11.80
N PRO A 188 -7.81 2.33 -13.13
CA PRO A 188 -8.98 2.75 -13.93
C PRO A 188 -10.20 1.83 -13.87
N TYR A 189 -10.06 0.58 -13.43
CA TYR A 189 -11.22 -0.29 -13.32
C TYR A 189 -11.84 -0.28 -11.91
N LEU A 190 -11.19 0.41 -10.96
CA LEU A 190 -11.68 0.56 -9.59
C LEU A 190 -11.20 1.94 -9.13
N THR A 191 -11.94 2.96 -9.53
CA THR A 191 -11.47 4.34 -9.43
C THR A 191 -11.63 4.97 -8.06
N GLN A 192 -12.54 4.45 -7.24
CA GLN A 192 -12.59 4.78 -5.81
C GLN A 192 -12.90 6.25 -5.51
N GLU A 193 -13.67 6.92 -6.36
N GLU A 193 -13.69 6.90 -6.35
CA GLU A 193 -13.94 8.36 -6.17
CA GLU A 193 -13.94 8.33 -6.21
C GLU A 193 -14.47 8.67 -4.78
C GLU A 193 -14.55 8.72 -4.85
N LYS A 194 -15.46 7.91 -4.34
CA LYS A 194 -16.12 8.20 -3.06
C LYS A 194 -15.14 8.07 -1.88
N LEU A 195 -14.44 6.95 -1.79
CA LEU A 195 -13.53 6.73 -0.67
C LEU A 195 -12.36 7.71 -0.70
N ILE A 196 -11.84 7.99 -1.89
CA ILE A 196 -10.74 8.93 -2.03
C ILE A 196 -11.15 10.34 -1.56
N GLN A 197 -12.30 10.81 -2.02
N GLN A 197 -12.30 10.83 -2.02
CA GLN A 197 -12.78 12.13 -1.61
CA GLN A 197 -12.72 12.16 -1.59
C GLN A 197 -12.95 12.21 -0.10
C GLN A 197 -12.91 12.21 -0.07
N TYR A 198 -13.51 11.16 0.49
CA TYR A 198 -13.70 11.12 1.93
C TYR A 198 -12.37 11.23 2.67
N CYS A 199 -11.41 10.39 2.30
CA CYS A 199 -10.11 10.41 2.97
C CYS A 199 -9.41 11.76 2.80
N GLN A 200 -9.37 12.26 1.58
CA GLN A 200 -8.68 13.53 1.31
C GLN A 200 -9.32 14.69 2.09
N SER A 201 -10.64 14.66 2.21
CA SER A 201 -11.36 15.70 2.95
C SER A 201 -11.02 15.68 4.43
N LYS A 202 -10.51 14.55 4.92
CA LYS A 202 -10.11 14.41 6.32
C LYS A 202 -8.59 14.57 6.50
N GLY A 203 -7.88 14.90 5.42
CA GLY A 203 -6.45 15.11 5.48
C GLY A 203 -5.63 13.83 5.50
N ILE A 204 -6.28 12.72 5.14
CA ILE A 204 -5.63 11.42 5.03
C ILE A 204 -5.17 11.21 3.59
N VAL A 205 -3.89 10.96 3.40
CA VAL A 205 -3.33 10.70 2.08
C VAL A 205 -3.67 9.27 1.65
N VAL A 206 -4.07 9.13 0.39
CA VAL A 206 -4.40 7.82 -0.15
C VAL A 206 -3.25 7.29 -0.99
N THR A 207 -2.87 6.04 -0.73
CA THR A 207 -1.91 5.33 -1.57
C THR A 207 -2.67 4.31 -2.42
N ALA A 208 -2.44 4.35 -3.73
CA ALA A 208 -3.08 3.43 -4.68
C ALA A 208 -2.21 2.19 -4.87
N TYR A 209 -2.75 1.03 -4.50
CA TYR A 209 -2.07 -0.22 -4.76
C TYR A 209 -2.64 -0.95 -5.99
N SER A 210 -1.90 -1.95 -6.47
CA SER A 210 -2.20 -2.64 -7.71
C SER A 210 -2.54 -1.69 -8.88
N PRO A 211 -1.71 -0.65 -9.09
CA PRO A 211 -2.07 0.36 -10.10
C PRO A 211 -2.06 -0.18 -11.53
N LEU A 212 -1.38 -1.31 -11.75
CA LEU A 212 -1.31 -1.92 -13.07
C LEU A 212 -2.29 -3.08 -13.19
N GLY A 213 -3.10 -3.27 -12.16
CA GLY A 213 -4.07 -4.35 -12.13
C GLY A 213 -3.49 -5.69 -11.68
N SER A 214 -2.31 -5.67 -11.08
CA SER A 214 -1.70 -6.87 -10.51
C SER A 214 -1.75 -8.09 -11.45
N PRO A 215 -1.17 -7.97 -12.65
CA PRO A 215 -1.25 -9.12 -13.57
C PRO A 215 -0.63 -10.42 -13.04
N ASP A 216 0.25 -10.34 -12.04
CA ASP A 216 0.84 -11.54 -11.45
C ASP A 216 0.12 -12.05 -10.21
N ARG A 217 -1.03 -11.47 -9.88
CA ARG A 217 -1.83 -11.97 -8.75
C ARG A 217 -2.09 -13.47 -8.90
N PRO A 218 -1.96 -14.24 -7.81
CA PRO A 218 -1.99 -15.70 -7.99
C PRO A 218 -3.35 -16.27 -8.41
N TRP A 219 -4.42 -15.52 -8.20
CA TRP A 219 -5.77 -15.99 -8.52
C TRP A 219 -6.31 -15.45 -9.84
N ALA A 220 -5.41 -14.90 -10.66
CA ALA A 220 -5.81 -14.37 -11.96
C ALA A 220 -6.40 -15.44 -12.87
N LYS A 221 -7.40 -15.05 -13.65
CA LYS A 221 -8.01 -15.93 -14.65
C LYS A 221 -7.73 -15.36 -16.04
N PRO A 222 -7.59 -16.25 -17.04
CA PRO A 222 -7.27 -15.82 -18.41
C PRO A 222 -8.25 -14.81 -18.99
N GLU A 223 -9.52 -14.92 -18.62
CA GLU A 223 -10.57 -14.07 -19.18
C GLU A 223 -10.74 -12.72 -18.45
N ASP A 224 -9.97 -12.51 -17.38
CA ASP A 224 -10.07 -11.29 -16.59
C ASP A 224 -9.73 -10.04 -17.40
N PRO A 225 -10.29 -8.88 -17.02
CA PRO A 225 -9.89 -7.63 -17.67
C PRO A 225 -8.41 -7.37 -17.47
N SER A 226 -7.81 -6.62 -18.39
CA SER A 226 -6.37 -6.37 -18.35
C SER A 226 -6.08 -4.91 -18.69
N LEU A 227 -5.72 -4.13 -17.68
CA LEU A 227 -5.41 -2.73 -17.87
C LEU A 227 -4.28 -2.51 -18.85
N LEU A 228 -3.22 -3.30 -18.71
CA LEU A 228 -2.05 -3.14 -19.53
C LEU A 228 -2.33 -3.41 -21.01
N GLU A 229 -3.39 -4.18 -21.29
CA GLU A 229 -3.76 -4.51 -22.66
C GLU A 229 -5.00 -3.77 -23.17
N ASP A 230 -5.53 -2.84 -22.38
CA ASP A 230 -6.72 -2.08 -22.78
C ASP A 230 -6.33 -1.14 -23.91
N PRO A 231 -6.91 -1.33 -25.12
CA PRO A 231 -6.49 -0.51 -26.26
C PRO A 231 -6.74 0.98 -26.05
N ARG A 232 -7.72 1.32 -25.21
CA ARG A 232 -8.04 2.73 -24.97
C ARG A 232 -6.93 3.39 -24.17
N ILE A 233 -6.38 2.65 -23.22
CA ILE A 233 -5.28 3.17 -22.40
C ILE A 233 -4.00 3.20 -23.23
N LYS A 234 -3.82 2.19 -24.07
CA LYS A 234 -2.68 2.16 -25.00
C LYS A 234 -2.70 3.41 -25.89
N ALA A 235 -3.89 3.82 -26.33
CA ALA A 235 -4.01 4.98 -27.22
C ALA A 235 -3.60 6.27 -26.50
N ILE A 236 -4.00 6.40 -25.24
CA ILE A 236 -3.61 7.57 -24.46
C ILE A 236 -2.10 7.59 -24.28
N ALA A 237 -1.52 6.42 -23.99
CA ALA A 237 -0.07 6.29 -23.86
C ALA A 237 0.65 6.71 -25.16
N ALA A 238 0.14 6.24 -26.30
CA ALA A 238 0.77 6.52 -27.59
C ALA A 238 0.80 8.02 -27.86
N LYS A 239 -0.27 8.70 -27.48
CA LYS A 239 -0.38 10.14 -27.65
C LYS A 239 0.76 10.86 -26.93
N HIS A 240 1.17 10.31 -25.79
CA HIS A 240 2.21 10.92 -24.97
C HIS A 240 3.60 10.32 -25.19
N ASN A 241 3.71 9.37 -26.12
CA ASN A 241 4.95 8.62 -26.34
C ASN A 241 5.45 7.98 -25.05
N LYS A 242 4.52 7.42 -24.28
CA LYS A 242 4.82 6.71 -23.05
C LYS A 242 4.25 5.31 -23.16
N THR A 243 4.60 4.43 -22.23
CA THR A 243 4.00 3.11 -22.18
C THR A 243 2.69 3.14 -21.42
N THR A 244 1.89 2.09 -21.62
CA THR A 244 0.64 1.98 -20.91
C THR A 244 0.89 1.97 -19.38
N ALA A 245 1.93 1.27 -18.94
CA ALA A 245 2.28 1.27 -17.52
C ALA A 245 2.56 2.67 -17.01
N GLN A 246 3.28 3.47 -17.79
CA GLN A 246 3.58 4.84 -17.39
C GLN A 246 2.32 5.70 -17.24
N VAL A 247 1.36 5.52 -18.14
CA VAL A 247 0.08 6.20 -17.99
C VAL A 247 -0.66 5.75 -16.74
N LEU A 248 -0.64 4.44 -16.47
CA LEU A 248 -1.30 3.88 -15.30
C LEU A 248 -0.68 4.37 -13.98
N ILE A 249 0.60 4.71 -14.02
CA ILE A 249 1.27 5.21 -12.84
C ILE A 249 1.04 6.73 -12.69
N ARG A 250 1.10 7.46 -13.81
CA ARG A 250 0.87 8.90 -13.78
C ARG A 250 -0.54 9.26 -13.35
N PHE A 251 -1.51 8.44 -13.74
CA PHE A 251 -2.93 8.67 -13.45
C PHE A 251 -3.20 8.94 -11.95
N PRO A 252 -2.85 8.01 -11.04
CA PRO A 252 -3.09 8.32 -9.63
C PRO A 252 -2.28 9.52 -9.11
N MET A 253 -1.07 9.72 -9.63
CA MET A 253 -0.27 10.86 -9.20
C MET A 253 -1.03 12.17 -9.41
N GLN A 254 -1.74 12.30 -10.53
CA GLN A 254 -2.49 13.53 -10.81
C GLN A 254 -3.79 13.64 -10.03
N ARG A 255 -4.15 12.60 -9.27
CA ARG A 255 -5.28 12.67 -8.35
C ARG A 255 -4.81 12.95 -6.93
N ASN A 256 -3.55 13.36 -6.79
CA ASN A 256 -2.92 13.60 -5.50
C ASN A 256 -2.82 12.35 -4.64
N LEU A 257 -2.64 11.21 -5.30
CA LEU A 257 -2.40 9.94 -4.64
C LEU A 257 -0.94 9.58 -4.69
N VAL A 258 -0.52 8.73 -3.75
CA VAL A 258 0.75 8.04 -3.81
C VAL A 258 0.50 6.73 -4.57
N VAL A 259 1.48 6.23 -5.31
CA VAL A 259 1.29 5.01 -6.09
C VAL A 259 2.52 4.12 -5.99
N ILE A 260 2.29 2.81 -5.92
CA ILE A 260 3.34 1.85 -5.59
C ILE A 260 3.43 0.64 -6.53
N PRO A 261 3.70 0.88 -7.83
CA PRO A 261 3.82 -0.23 -8.77
C PRO A 261 4.92 -1.21 -8.36
N LYS A 262 4.64 -2.51 -8.52
CA LYS A 262 5.61 -3.55 -8.22
C LYS A 262 6.31 -4.04 -9.49
N SER A 263 7.62 -4.19 -9.44
CA SER A 263 8.35 -4.94 -10.46
C SER A 263 9.63 -5.49 -9.87
N VAL A 264 10.04 -6.64 -10.41
CA VAL A 264 11.38 -7.15 -10.16
C VAL A 264 12.23 -7.15 -11.43
N THR A 265 11.72 -6.52 -12.48
CA THR A 265 12.43 -6.46 -13.75
C THR A 265 13.15 -5.13 -13.85
N PRO A 266 14.50 -5.15 -13.89
CA PRO A 266 15.22 -3.86 -13.86
C PRO A 266 14.75 -2.83 -14.90
N GLU A 267 14.50 -3.26 -16.13
CA GLU A 267 14.05 -2.33 -17.17
C GLU A 267 12.70 -1.69 -16.81
N ARG A 268 11.80 -2.47 -16.21
CA ARG A 268 10.49 -1.96 -15.83
C ARG A 268 10.56 -1.07 -14.59
N ILE A 269 11.41 -1.44 -13.64
CA ILE A 269 11.63 -0.59 -12.47
C ILE A 269 12.03 0.81 -12.94
N ALA A 270 12.97 0.89 -13.88
CA ALA A 270 13.39 2.18 -14.43
C ALA A 270 12.27 2.87 -15.23
N GLU A 271 11.59 2.12 -16.10
CA GLU A 271 10.48 2.65 -16.88
C GLU A 271 9.41 3.28 -15.98
N ASN A 272 9.07 2.57 -14.91
CA ASN A 272 8.00 2.99 -14.02
C ASN A 272 8.32 4.29 -13.27
N PHE A 273 9.61 4.62 -13.18
CA PHE A 273 10.01 5.84 -12.50
C PHE A 273 10.00 7.06 -13.43
N LYS A 274 9.97 6.80 -14.73
CA LYS A 274 10.05 7.89 -15.72
C LYS A 274 8.68 8.45 -16.03
N VAL A 275 8.07 9.05 -15.00
CA VAL A 275 6.69 9.49 -15.05
C VAL A 275 6.54 10.94 -14.54
N PHE A 276 7.66 11.64 -14.44
CA PHE A 276 7.65 13.02 -13.96
C PHE A 276 7.87 14.04 -15.09
N ASP A 277 7.77 13.58 -16.33
CA ASP A 277 8.10 14.42 -17.48
C ASP A 277 6.96 14.57 -18.48
N PHE A 278 5.77 14.18 -18.08
CA PHE A 278 4.58 14.39 -18.92
C PHE A 278 3.36 14.62 -18.05
N GLU A 279 2.31 15.17 -18.64
CA GLU A 279 1.08 15.46 -17.93
C GLU A 279 -0.12 14.97 -18.73
N LEU A 280 -0.95 14.15 -18.09
CA LEU A 280 -2.25 13.79 -18.67
C LEU A 280 -3.19 15.00 -18.62
N SER A 281 -3.94 15.22 -19.69
CA SER A 281 -4.89 16.32 -19.69
C SER A 281 -6.07 15.99 -18.76
N SER A 282 -6.81 17.02 -18.37
N SER A 282 -6.83 17.00 -18.38
CA SER A 282 -8.02 16.81 -17.57
CA SER A 282 -8.01 16.78 -17.54
C SER A 282 -8.96 15.85 -18.29
C SER A 282 -9.02 15.89 -18.28
N GLN A 283 -9.07 16.02 -19.60
CA GLN A 283 -9.87 15.15 -20.44
C GLN A 283 -9.37 13.70 -20.37
N ASP A 284 -8.05 13.51 -20.46
CA ASP A 284 -7.42 12.19 -20.31
C ASP A 284 -7.80 11.60 -18.96
N MET A 285 -7.69 12.42 -17.92
CA MET A 285 -7.98 11.99 -16.57
C MET A 285 -9.43 11.53 -16.42
N THR A 286 -10.36 12.35 -16.91
CA THR A 286 -11.77 11.99 -16.82
C THR A 286 -12.08 10.76 -17.67
N THR A 287 -11.43 10.66 -18.82
CA THR A 287 -11.59 9.48 -19.66
C THR A 287 -11.12 8.20 -18.93
N LEU A 288 -9.95 8.26 -18.32
CA LEU A 288 -9.48 7.13 -17.53
C LEU A 288 -10.44 6.79 -16.39
N LEU A 289 -10.95 7.82 -15.70
CA LEU A 289 -11.93 7.59 -14.64
C LEU A 289 -13.17 6.89 -15.17
N SER A 290 -13.53 7.15 -16.43
CA SER A 290 -14.76 6.62 -16.99
C SER A 290 -14.70 5.11 -17.17
N TYR A 291 -13.51 4.53 -17.05
CA TYR A 291 -13.34 3.08 -17.27
C TYR A 291 -13.68 2.26 -16.03
N ASN A 292 -14.09 2.93 -14.95
CA ASN A 292 -14.42 2.22 -13.72
C ASN A 292 -15.43 1.10 -13.95
N ARG A 293 -15.13 -0.08 -13.39
CA ARG A 293 -16.01 -1.23 -13.48
C ARG A 293 -16.27 -1.80 -12.09
N ASN A 294 -15.77 -1.14 -11.05
CA ASN A 294 -15.81 -1.70 -9.69
C ASN A 294 -15.21 -3.10 -9.65
N TRP A 295 -14.10 -3.27 -10.36
CA TRP A 295 -13.42 -4.56 -10.45
C TRP A 295 -12.22 -4.62 -9.51
N ARG A 296 -12.26 -5.54 -8.54
CA ARG A 296 -11.20 -5.68 -7.53
C ARG A 296 -10.24 -6.84 -7.74
N VAL A 297 -8.95 -6.53 -7.76
CA VAL A 297 -7.88 -7.53 -7.70
C VAL A 297 -7.87 -8.22 -6.34
N CYS A 298 -8.06 -7.42 -5.30
N CYS A 298 -8.01 -7.40 -5.30
CA CYS A 298 -7.72 -7.87 -3.96
CA CYS A 298 -7.75 -7.87 -3.95
C CYS A 298 -8.92 -8.00 -3.04
C CYS A 298 -8.98 -8.00 -3.09
N ALA A 299 -9.36 -9.25 -2.88
CA ALA A 299 -10.46 -9.60 -2.00
C ALA A 299 -10.24 -11.08 -1.68
N LEU A 300 -10.93 -11.62 -0.68
CA LEU A 300 -10.73 -13.01 -0.32
C LEU A 300 -11.97 -13.65 0.28
N LEU A 301 -12.45 -14.69 -0.38
CA LEU A 301 -13.70 -15.36 0.00
C LEU A 301 -13.67 -15.92 1.42
N SER A 302 -12.53 -16.46 1.82
CA SER A 302 -12.40 -17.07 3.14
C SER A 302 -12.62 -16.05 4.25
N CYS A 303 -12.50 -14.76 3.91
CA CYS A 303 -12.67 -13.71 4.90
C CYS A 303 -13.97 -12.90 4.78
N THR A 304 -14.81 -13.22 3.81
CA THR A 304 -16.04 -12.46 3.59
C THR A 304 -17.05 -12.56 4.74
N SER A 305 -16.91 -13.59 5.57
CA SER A 305 -17.80 -13.75 6.72
C SER A 305 -17.30 -13.01 7.96
N HIS A 306 -16.05 -12.57 7.92
CA HIS A 306 -15.47 -11.81 9.03
C HIS A 306 -16.28 -10.55 9.24
N LYS A 307 -16.60 -10.23 10.49
CA LYS A 307 -17.46 -9.08 10.79
C LYS A 307 -16.89 -7.75 10.29
N ASP A 308 -15.57 -7.68 10.14
CA ASP A 308 -14.93 -6.45 9.70
C ASP A 308 -14.46 -6.48 8.25
N TYR A 309 -14.94 -7.47 7.49
CA TYR A 309 -14.64 -7.53 6.05
C TYR A 309 -15.03 -6.20 5.43
N PRO A 310 -14.11 -5.57 4.71
CA PRO A 310 -14.34 -4.17 4.32
C PRO A 310 -15.20 -3.95 3.08
N PHE A 311 -15.43 -4.96 2.25
CA PHE A 311 -15.96 -4.69 0.91
C PHE A 311 -17.44 -4.98 0.69
N HIS A 312 -18.22 -5.12 1.77
CA HIS A 312 -19.66 -5.25 1.65
C HIS A 312 -20.29 -3.87 1.48
N GLU A 313 -19.71 -2.88 2.17
CA GLU A 313 -20.14 -1.50 2.07
C GLU A 313 -19.88 -0.98 0.67
N GLU A 314 -20.70 -0.02 0.24
CA GLU A 314 -20.52 0.61 -1.06
C GLU A 314 -19.12 1.19 -1.19
N PHE A 315 -18.67 1.86 -0.14
CA PHE A 315 -17.31 2.40 -0.11
C PHE A 315 -16.86 2.64 1.32
#